data_7Z3S
#
_entry.id   7Z3S
#
_cell.length_a   69.250
_cell.length_b   69.250
_cell.length_c   88.400
_cell.angle_alpha   90.000
_cell.angle_beta   90.000
_cell.angle_gamma   90.000
#
_symmetry.space_group_name_H-M   'P 43'
#
loop_
_entity.id
_entity.type
_entity.pdbx_description
1 polymer 'Acetaldehyde dehydrogenase'
2 non-polymer 'PHOSPHATE ION'
3 water water
#
_entity_poly.entity_id   1
_entity_poly.type   'polypeptide(L)'
_entity_poly.pdbx_seq_one_letter_code
;AGSHMSKVKVAILGSGNIGTDLMMKLERSNILQLTAMIGIDPESDGLRRAKEKGYTVISTGIKGFLEQPELADIVFDATS
AKAHIRHAKLLKEAGKTVLDLTPAAVGALVVPPVNLHKHLDEWNVNLITCGGQATIPIVHAINRVHPVGYAEIVATIASK
SAGPGTRANIDEFTQTTARGIEKIGGAKKGKAIIILNPAEPPIMMRNTVYALVEEGKIDENAIVQSILEMVKTVQSYVPG
YRIRTEPIMDGNKITVFLEVEGAGDYLPKYSGNLDIMTAAAVKVAEELAKHKLAAQTA
;
_entity_poly.pdbx_strand_id   A
#
loop_
_chem_comp.id
_chem_comp.type
_chem_comp.name
_chem_comp.formula
PO4 non-polymer 'PHOSPHATE ION' 'O4 P -3'
#
# COMPACT_ATOMS: atom_id res chain seq x y z
N ALA A 1 -8.39 -19.26 -24.14
CA ALA A 1 -8.67 -20.48 -23.40
C ALA A 1 -7.58 -21.53 -23.65
N GLY A 2 -7.85 -22.76 -23.20
CA GLY A 2 -6.85 -23.79 -22.96
C GLY A 2 -6.63 -24.03 -21.47
N SER A 3 -5.46 -24.58 -21.14
CA SER A 3 -5.07 -24.76 -19.75
C SER A 3 -4.26 -23.57 -19.26
N HIS A 4 -4.42 -23.24 -17.98
CA HIS A 4 -3.81 -22.04 -17.46
C HIS A 4 -3.44 -22.19 -16.00
N MET A 5 -2.47 -21.40 -15.59
CA MET A 5 -2.14 -21.30 -14.18
C MET A 5 -3.35 -20.66 -13.47
N SER A 6 -3.65 -21.12 -12.25
CA SER A 6 -4.77 -20.57 -11.49
C SER A 6 -4.52 -19.12 -11.10
N LYS A 7 -5.58 -18.33 -11.05
CA LYS A 7 -5.53 -16.94 -10.61
C LYS A 7 -6.65 -16.70 -9.62
N VAL A 8 -6.55 -15.60 -8.87
CA VAL A 8 -7.63 -15.19 -7.98
C VAL A 8 -8.30 -13.98 -8.62
N LYS A 9 -9.63 -14.03 -8.71
CA LYS A 9 -10.39 -12.91 -9.26
C LYS A 9 -10.48 -11.77 -8.24
N VAL A 10 -10.40 -10.53 -8.73
CA VAL A 10 -10.39 -9.38 -7.85
C VAL A 10 -11.29 -8.33 -8.50
N ALA A 11 -11.80 -7.40 -7.68
CA ALA A 11 -12.65 -6.33 -8.15
C ALA A 11 -12.29 -5.07 -7.40
N ILE A 12 -12.46 -3.92 -8.04
CA ILE A 12 -12.10 -2.65 -7.46
C ILE A 12 -13.40 -1.94 -7.11
N LEU A 13 -13.54 -1.61 -5.86
CA LEU A 13 -14.66 -0.83 -5.37
C LEU A 13 -14.19 0.63 -5.33
N GLY A 14 -14.75 1.47 -6.20
CA GLY A 14 -14.32 2.87 -6.31
C GLY A 14 -13.87 3.16 -7.72
N SER A 15 -14.27 4.30 -8.26
CA SER A 15 -14.03 4.58 -9.67
C SER A 15 -13.21 5.85 -9.88
N GLY A 16 -12.59 6.39 -8.82
CA GLY A 16 -11.79 7.59 -8.90
C GLY A 16 -10.36 7.30 -9.34
N ASN A 17 -9.45 8.20 -8.96
CA ASN A 17 -8.08 8.10 -9.48
C ASN A 17 -7.36 6.88 -8.94
N ILE A 18 -7.54 6.62 -7.65
CA ILE A 18 -6.90 5.48 -7.02
C ILE A 18 -7.42 4.19 -7.65
N GLY A 19 -8.74 4.07 -7.80
CA GLY A 19 -9.30 2.87 -8.40
C GLY A 19 -8.81 2.66 -9.82
N THR A 20 -8.75 3.75 -10.61
CA THR A 20 -8.23 3.64 -11.98
C THR A 20 -6.74 3.29 -11.99
N ASP A 21 -5.95 3.88 -11.09
CA ASP A 21 -4.54 3.50 -11.02
C ASP A 21 -4.38 2.03 -10.66
N LEU A 22 -5.20 1.53 -9.72
CA LEU A 22 -5.15 0.11 -9.39
C LEU A 22 -5.42 -0.74 -10.61
N MET A 23 -6.44 -0.35 -11.40
CA MET A 23 -6.80 -1.15 -12.55
C MET A 23 -5.63 -1.25 -13.51
N MET A 24 -4.89 -0.15 -13.71
CA MET A 24 -3.74 -0.20 -14.62
C MET A 24 -2.71 -1.18 -14.10
N LYS A 25 -2.46 -1.18 -12.80
CA LYS A 25 -1.46 -2.08 -12.23
C LYS A 25 -1.93 -3.54 -12.25
N LEU A 26 -3.23 -3.77 -11.98
CA LEU A 26 -3.75 -5.13 -11.94
C LEU A 26 -3.66 -5.83 -13.31
N GLU A 27 -3.68 -5.06 -14.41
CA GLU A 27 -3.54 -5.63 -15.76
C GLU A 27 -2.22 -6.35 -15.96
N ARG A 28 -1.21 -6.00 -15.17
CA ARG A 28 0.11 -6.58 -15.28
C ARG A 28 0.33 -7.71 -14.30
N SER A 29 -0.69 -8.08 -13.52
CA SER A 29 -0.52 -9.15 -12.56
C SER A 29 -0.68 -10.50 -13.23
N ASN A 30 0.20 -11.42 -12.89
CA ASN A 30 0.13 -12.80 -13.37
CA ASN A 30 -0.01 -12.75 -13.44
C ASN A 30 -0.67 -13.69 -12.44
N ILE A 31 -1.07 -13.19 -11.28
CA ILE A 31 -1.72 -14.05 -10.31
C ILE A 31 -3.11 -13.51 -9.93
N LEU A 32 -3.37 -12.23 -10.16
CA LEU A 32 -4.67 -11.60 -9.94
C LEU A 32 -5.36 -11.38 -11.27
N GLN A 33 -6.64 -11.70 -11.34
CA GLN A 33 -7.43 -11.43 -12.55
C GLN A 33 -8.49 -10.38 -12.18
N LEU A 34 -8.32 -9.15 -12.67
CA LEU A 34 -9.33 -8.12 -12.45
C LEU A 34 -10.56 -8.40 -13.30
N THR A 35 -11.74 -8.44 -12.67
CA THR A 35 -12.96 -8.70 -13.40
C THR A 35 -13.90 -7.50 -13.44
N ALA A 36 -13.86 -6.64 -12.43
CA ALA A 36 -14.91 -5.64 -12.33
C ALA A 36 -14.46 -4.40 -11.55
N MET A 37 -15.05 -3.28 -11.93
CA MET A 37 -15.03 -2.02 -11.22
C MET A 37 -16.43 -1.68 -10.76
N ILE A 38 -16.56 -1.25 -9.51
CA ILE A 38 -17.84 -0.99 -8.87
C ILE A 38 -17.91 0.48 -8.49
N GLY A 39 -18.91 1.18 -9.02
CA GLY A 39 -19.14 2.57 -8.67
C GLY A 39 -20.58 2.78 -8.29
N ILE A 40 -20.97 4.05 -8.17
CA ILE A 40 -22.34 4.41 -7.86
C ILE A 40 -22.96 5.32 -8.90
N ASP A 41 -22.24 5.68 -9.96
CA ASP A 41 -22.72 6.63 -10.94
C ASP A 41 -22.48 6.04 -12.33
N PRO A 42 -23.54 5.69 -13.08
CA PRO A 42 -23.33 5.05 -14.38
C PRO A 42 -22.61 5.95 -15.37
N GLU A 43 -22.45 7.23 -15.08
CA GLU A 43 -21.75 8.17 -15.94
C GLU A 43 -20.33 8.42 -15.49
N SER A 44 -19.87 7.66 -14.51
CA SER A 44 -18.53 7.84 -13.98
C SER A 44 -17.49 7.72 -15.08
N ASP A 45 -16.48 8.59 -15.00
CA ASP A 45 -15.38 8.57 -15.97
C ASP A 45 -14.51 7.33 -15.79
N GLY A 46 -14.35 6.87 -14.54
CA GLY A 46 -13.55 5.67 -14.29
C GLY A 46 -14.25 4.40 -14.73
N LEU A 47 -15.59 4.35 -14.56
CA LEU A 47 -16.36 3.21 -15.05
C LEU A 47 -16.29 3.13 -16.57
N ARG A 48 -16.37 4.28 -17.24
CA ARG A 48 -16.23 4.31 -18.68
C ARG A 48 -14.91 3.69 -19.11
N ARG A 49 -13.82 4.16 -18.49
CA ARG A 49 -12.48 3.64 -18.75
CA ARG A 49 -12.49 3.64 -18.79
C ARG A 49 -12.43 2.13 -18.58
N ALA A 50 -13.01 1.63 -17.49
CA ALA A 50 -13.04 0.20 -17.19
C ALA A 50 -13.88 -0.57 -18.22
N LYS A 51 -15.04 -0.01 -18.61
CA LYS A 51 -15.88 -0.63 -19.62
C LYS A 51 -15.13 -0.77 -20.94
N GLU A 52 -14.45 0.30 -21.34
CA GLU A 52 -13.66 0.35 -22.57
C GLU A 52 -12.60 -0.74 -22.56
N LYS A 53 -12.03 -1.02 -21.39
CA LYS A 53 -10.98 -2.02 -21.25
C LYS A 53 -11.51 -3.44 -21.12
N GLY A 54 -12.81 -3.66 -21.23
CA GLY A 54 -13.31 -5.02 -21.23
C GLY A 54 -13.78 -5.57 -19.90
N TYR A 55 -13.71 -4.79 -18.82
CA TYR A 55 -14.13 -5.26 -17.51
C TYR A 55 -15.63 -5.07 -17.34
N THR A 56 -16.19 -5.86 -16.44
CA THR A 56 -17.55 -5.64 -15.97
C THR A 56 -17.60 -4.35 -15.15
N VAL A 57 -18.64 -3.56 -15.37
N VAL A 57 -18.59 -3.51 -15.42
CA VAL A 57 -18.87 -2.31 -14.66
CA VAL A 57 -18.81 -2.33 -14.57
C VAL A 57 -20.19 -2.40 -13.92
C VAL A 57 -20.15 -2.47 -13.89
N ILE A 58 -20.17 -2.04 -12.64
CA ILE A 58 -21.34 -2.07 -11.77
C ILE A 58 -21.53 -0.66 -11.26
N SER A 59 -22.71 -0.11 -11.50
N SER A 59 -22.68 -0.07 -11.51
CA SER A 59 -23.07 1.26 -11.16
CA SER A 59 -22.93 1.29 -11.04
C SER A 59 -23.89 1.35 -9.89
C SER A 59 -23.97 1.35 -9.94
N THR A 60 -24.23 0.22 -9.27
CA THR A 60 -25.16 0.19 -8.15
C THR A 60 -24.47 -0.12 -6.84
N GLY A 61 -23.20 0.28 -6.71
CA GLY A 61 -22.46 0.21 -5.46
C GLY A 61 -22.24 -1.20 -4.91
N ILE A 62 -21.96 -1.24 -3.61
CA ILE A 62 -21.63 -2.51 -2.95
C ILE A 62 -22.75 -3.53 -3.10
N LYS A 63 -24.02 -3.08 -3.06
CA LYS A 63 -25.13 -4.02 -3.23
C LYS A 63 -25.11 -4.64 -4.61
N GLY A 64 -24.75 -3.87 -5.64
CA GLY A 64 -24.66 -4.44 -6.97
C GLY A 64 -23.60 -5.52 -7.07
N PHE A 65 -22.46 -5.30 -6.42
CA PHE A 65 -21.41 -6.32 -6.40
C PHE A 65 -21.90 -7.56 -5.66
N LEU A 66 -22.60 -7.39 -4.54
CA LEU A 66 -23.02 -8.53 -3.72
C LEU A 66 -24.11 -9.33 -4.41
N GLU A 67 -24.73 -8.76 -5.45
CA GLU A 67 -25.64 -9.48 -6.33
C GLU A 67 -24.89 -10.36 -7.31
N GLN A 68 -23.61 -10.05 -7.58
CA GLN A 68 -22.77 -10.88 -8.45
C GLN A 68 -21.48 -11.26 -7.73
N PRO A 69 -21.58 -11.91 -6.57
CA PRO A 69 -20.40 -12.11 -5.71
C PRO A 69 -19.31 -12.98 -6.34
N GLU A 70 -19.66 -13.79 -7.34
CA GLU A 70 -18.70 -14.65 -8.04
C GLU A 70 -17.69 -13.84 -8.86
N LEU A 71 -17.93 -12.55 -9.10
CA LEU A 71 -16.95 -11.69 -9.77
C LEU A 71 -15.59 -11.65 -9.07
N ALA A 72 -15.52 -11.83 -7.75
CA ALA A 72 -14.24 -11.58 -7.10
C ALA A 72 -14.16 -12.23 -5.72
N ASP A 73 -12.97 -12.69 -5.37
CA ASP A 73 -12.74 -13.13 -4.01
CA ASP A 73 -12.71 -13.14 -4.01
C ASP A 73 -11.99 -12.09 -3.18
N ILE A 74 -11.23 -11.20 -3.82
CA ILE A 74 -10.53 -10.10 -3.15
C ILE A 74 -11.05 -8.80 -3.73
N VAL A 75 -11.43 -7.87 -2.87
CA VAL A 75 -11.95 -6.56 -3.29
C VAL A 75 -11.01 -5.49 -2.77
N PHE A 76 -10.62 -4.56 -3.64
CA PHE A 76 -9.89 -3.36 -3.22
C PHE A 76 -10.90 -2.24 -2.96
N ASP A 77 -10.85 -1.65 -1.79
CA ASP A 77 -11.72 -0.52 -1.49
C ASP A 77 -10.96 0.78 -1.76
N ALA A 78 -11.27 1.42 -2.87
CA ALA A 78 -10.65 2.72 -3.18
C ALA A 78 -11.68 3.84 -3.11
N THR A 79 -12.55 3.81 -2.09
CA THR A 79 -13.56 4.86 -2.02
C THR A 79 -13.11 5.84 -0.94
N SER A 80 -13.73 5.79 0.24
CA SER A 80 -13.43 6.73 1.32
C SER A 80 -13.55 6.01 2.66
N ALA A 81 -12.96 6.62 3.71
CA ALA A 81 -12.98 6.00 5.03
C ALA A 81 -14.41 5.85 5.57
N LYS A 82 -15.25 6.87 5.36
CA LYS A 82 -16.63 6.81 5.81
C LYS A 82 -17.41 5.72 5.08
N ALA A 83 -17.18 5.55 3.77
CA ALA A 83 -17.89 4.50 3.04
C ALA A 83 -17.33 3.13 3.38
N HIS A 84 -16.06 3.05 3.82
CA HIS A 84 -15.47 1.72 4.00
C HIS A 84 -16.12 0.97 5.15
N ILE A 85 -16.64 1.68 6.17
CA ILE A 85 -17.19 0.97 7.33
C ILE A 85 -18.31 0.02 6.91
N ARG A 86 -19.25 0.49 6.09
CA ARG A 86 -20.28 -0.44 5.65
C ARG A 86 -19.74 -1.48 4.66
N HIS A 87 -18.93 -1.03 3.69
CA HIS A 87 -18.33 -1.98 2.74
C HIS A 87 -17.67 -3.15 3.48
N ALA A 88 -16.86 -2.83 4.50
CA ALA A 88 -16.13 -3.84 5.26
C ALA A 88 -17.08 -4.84 5.91
N LYS A 89 -18.13 -4.33 6.57
CA LYS A 89 -19.11 -5.19 7.21
C LYS A 89 -19.77 -6.13 6.20
N LEU A 90 -20.21 -5.59 5.06
CA LEU A 90 -20.93 -6.41 4.08
C LEU A 90 -19.98 -7.36 3.35
N LEU A 91 -18.77 -6.91 3.03
CA LEU A 91 -17.83 -7.79 2.33
C LEU A 91 -17.44 -8.97 3.21
N LYS A 92 -17.15 -8.71 4.50
CA LYS A 92 -16.83 -9.80 5.42
C LYS A 92 -17.98 -10.79 5.53
N GLU A 93 -19.22 -10.28 5.60
CA GLU A 93 -20.36 -11.19 5.71
C GLU A 93 -20.50 -12.06 4.46
N ALA A 94 -20.17 -11.51 3.28
CA ALA A 94 -20.19 -12.26 2.01
C ALA A 94 -18.97 -13.16 1.82
N GLY A 95 -18.10 -13.26 2.82
CA GLY A 95 -16.91 -14.08 2.74
C GLY A 95 -15.80 -13.55 1.86
N LYS A 96 -15.82 -12.28 1.49
CA LYS A 96 -14.78 -11.72 0.62
C LYS A 96 -13.63 -11.16 1.46
N THR A 97 -12.43 -11.20 0.91
CA THR A 97 -11.27 -10.56 1.51
C THR A 97 -11.18 -9.14 0.97
N VAL A 98 -10.85 -8.16 1.83
CA VAL A 98 -10.83 -6.78 1.34
C VAL A 98 -9.49 -6.11 1.68
N LEU A 99 -8.97 -5.34 0.71
CA LEU A 99 -7.84 -4.44 0.89
C LEU A 99 -8.38 -3.03 0.97
N ASP A 100 -8.22 -2.42 2.14
CA ASP A 100 -8.68 -1.05 2.42
C ASP A 100 -7.60 -0.05 2.06
N LEU A 101 -7.79 0.70 0.98
CA LEU A 101 -6.86 1.77 0.64
C LEU A 101 -7.21 3.10 1.26
N THR A 102 -8.20 3.15 2.13
CA THR A 102 -8.66 4.35 2.82
C THR A 102 -8.03 4.42 4.20
N PRO A 103 -8.12 5.57 4.88
CA PRO A 103 -7.70 5.64 6.29
C PRO A 103 -8.66 4.97 7.27
N ALA A 104 -9.74 4.31 6.83
CA ALA A 104 -10.72 3.80 7.80
C ALA A 104 -10.04 2.87 8.81
N ALA A 105 -9.13 1.99 8.35
CA ALA A 105 -8.24 1.23 9.27
C ALA A 105 -9.07 0.37 10.22
N VAL A 106 -10.08 -0.28 9.65
CA VAL A 106 -10.89 -1.27 10.34
C VAL A 106 -10.14 -2.59 10.52
N GLY A 107 -9.28 -2.98 9.58
CA GLY A 107 -8.61 -4.26 9.64
C GLY A 107 -7.18 -4.15 10.10
N ALA A 108 -6.40 -5.18 9.79
CA ALA A 108 -5.02 -5.26 10.24
C ALA A 108 -4.11 -4.40 9.36
N LEU A 109 -3.23 -3.63 10.00
CA LEU A 109 -2.32 -2.75 9.26
C LEU A 109 -1.16 -3.59 8.74
N VAL A 110 -0.90 -3.51 7.44
CA VAL A 110 0.17 -4.31 6.88
C VAL A 110 1.10 -3.48 6.00
N VAL A 111 2.38 -3.81 6.10
CA VAL A 111 3.43 -3.40 5.18
C VAL A 111 4.00 -4.69 4.61
N PRO A 112 3.91 -4.91 3.28
CA PRO A 112 4.16 -6.25 2.73
C PRO A 112 5.52 -6.86 3.07
N PRO A 113 6.65 -6.16 2.95
CA PRO A 113 7.93 -6.81 3.33
C PRO A 113 8.20 -6.86 4.84
N VAL A 114 7.30 -6.38 5.68
CA VAL A 114 7.54 -6.39 7.13
C VAL A 114 6.62 -7.39 7.83
N ASN A 115 5.30 -7.17 7.82
CA ASN A 115 4.48 -8.03 8.69
C ASN A 115 3.37 -8.79 7.98
N LEU A 116 3.26 -8.68 6.64
CA LEU A 116 2.24 -9.42 5.90
C LEU A 116 2.25 -10.90 6.24
N HIS A 117 3.43 -11.49 6.44
CA HIS A 117 3.47 -12.93 6.68
C HIS A 117 2.66 -13.39 7.89
N LYS A 118 2.28 -12.49 8.82
CA LYS A 118 1.49 -12.83 10.00
C LYS A 118 0.00 -12.56 9.79
N HIS A 119 -0.37 -12.09 8.61
CA HIS A 119 -1.71 -11.60 8.38
C HIS A 119 -2.32 -12.19 7.14
N LEU A 120 -1.78 -13.31 6.67
CA LEU A 120 -2.24 -13.87 5.40
C LEU A 120 -3.70 -14.34 5.49
N ASP A 121 -4.25 -14.48 6.69
CA ASP A 121 -5.62 -14.97 6.82
C ASP A 121 -6.62 -13.90 7.23
N GLU A 122 -6.19 -12.65 7.36
CA GLU A 122 -7.11 -11.58 7.75
C GLU A 122 -8.20 -11.40 6.71
N TRP A 123 -9.38 -11.02 7.18
CA TRP A 123 -10.50 -10.67 6.32
C TRP A 123 -10.30 -9.31 5.66
N ASN A 124 -9.61 -8.41 6.35
CA ASN A 124 -9.55 -7.01 6.00
C ASN A 124 -8.14 -6.52 6.33
N VAL A 125 -7.44 -5.95 5.34
CA VAL A 125 -6.13 -5.40 5.64
C VAL A 125 -6.09 -3.97 5.16
N ASN A 126 -5.37 -3.15 5.91
CA ASN A 126 -5.30 -1.73 5.68
C ASN A 126 -3.83 -1.37 5.42
N LEU A 127 -3.63 -0.37 4.59
CA LEU A 127 -2.30 -0.08 4.08
C LEU A 127 -1.67 1.12 4.80
N ILE A 128 -2.25 1.54 5.94
CA ILE A 128 -1.69 2.57 6.81
C ILE A 128 -1.67 3.89 6.04
N THR A 129 -0.49 4.40 5.70
CA THR A 129 -0.38 5.68 5.03
C THR A 129 0.77 5.60 4.05
N CYS A 130 0.83 6.56 3.13
N CYS A 130 0.81 6.59 3.17
CA CYS A 130 1.95 6.63 2.18
CA CYS A 130 1.86 6.76 2.18
C CYS A 130 3.26 6.68 2.93
C CYS A 130 3.23 6.76 2.87
N GLY A 131 3.36 7.57 3.93
CA GLY A 131 4.61 7.65 4.67
C GLY A 131 4.93 6.35 5.39
N GLY A 132 3.89 5.67 5.89
CA GLY A 132 4.11 4.36 6.49
C GLY A 132 4.66 3.33 5.52
N GLN A 133 4.05 3.23 4.32
CA GLN A 133 4.51 2.23 3.34
C GLN A 133 5.94 2.52 2.92
N ALA A 134 6.34 3.79 2.95
CA ALA A 134 7.65 4.18 2.45
C ALA A 134 8.74 3.97 3.51
N THR A 135 8.42 4.20 4.78
CA THR A 135 9.46 4.28 5.79
C THR A 135 9.45 3.14 6.78
N ILE A 136 8.29 2.56 7.06
CA ILE A 136 8.24 1.41 7.96
C ILE A 136 9.15 0.29 7.47
N PRO A 137 9.29 0.03 6.16
CA PRO A 137 10.29 -0.96 5.73
C PRO A 137 11.66 -0.63 6.25
N ILE A 138 12.03 0.66 6.21
CA ILE A 138 13.38 1.05 6.64
C ILE A 138 13.52 0.91 8.15
N VAL A 139 12.54 1.37 8.92
CA VAL A 139 12.62 1.22 10.39
C VAL A 139 12.81 -0.24 10.75
N HIS A 140 12.05 -1.12 10.10
CA HIS A 140 12.17 -2.54 10.35
C HIS A 140 13.53 -3.08 9.90
N ALA A 141 14.00 -2.66 8.72
CA ALA A 141 15.33 -3.08 8.26
C ALA A 141 16.39 -2.81 9.34
N ILE A 142 16.26 -1.69 10.03
CA ILE A 142 17.20 -1.37 11.11
C ILE A 142 16.87 -2.18 12.36
N ASN A 143 15.60 -2.18 12.76
CA ASN A 143 15.22 -2.79 14.05
C ASN A 143 15.50 -4.28 14.09
N ARG A 144 15.50 -4.97 12.94
CA ARG A 144 15.73 -6.40 12.98
C ARG A 144 17.21 -6.72 13.10
N VAL A 145 18.08 -5.73 12.89
CA VAL A 145 19.49 -5.88 13.23
C VAL A 145 19.77 -5.40 14.64
N HIS A 146 19.19 -4.27 15.03
CA HIS A 146 19.53 -3.66 16.28
C HIS A 146 18.29 -2.94 16.74
N PRO A 147 17.78 -3.20 17.97
CA PRO A 147 16.50 -2.59 18.39
C PRO A 147 16.53 -1.08 18.29
N VAL A 148 15.45 -0.53 17.77
CA VAL A 148 15.31 0.92 17.61
C VAL A 148 14.48 1.47 18.77
N GLY A 149 15.04 2.43 19.53
CA GLY A 149 14.34 3.09 20.61
C GLY A 149 13.50 4.28 20.16
N TYR A 150 13.89 4.93 19.08
CA TYR A 150 13.13 6.08 18.60
C TYR A 150 13.32 6.19 17.10
N ALA A 151 12.24 6.37 16.36
CA ALA A 151 12.34 6.65 14.94
C ALA A 151 11.45 7.81 14.58
N GLU A 152 12.00 8.74 13.82
CA GLU A 152 11.24 9.86 13.31
C GLU A 152 11.32 9.79 11.81
N ILE A 153 10.17 9.89 11.12
CA ILE A 153 10.21 9.96 9.68
C ILE A 153 9.64 11.31 9.26
N VAL A 154 10.16 11.84 8.17
CA VAL A 154 9.71 13.10 7.62
C VAL A 154 9.38 12.83 6.16
N ALA A 155 8.09 12.89 5.81
CA ALA A 155 7.63 12.68 4.44
C ALA A 155 7.36 14.04 3.83
N THR A 156 8.04 14.35 2.74
CA THR A 156 7.81 15.56 1.98
C THR A 156 7.16 15.18 0.66
N ILE A 157 5.93 15.69 0.40
CA ILE A 157 5.20 15.35 -0.81
C ILE A 157 4.80 16.64 -1.52
N ALA A 158 4.50 16.50 -2.80
CA ALA A 158 4.11 17.64 -3.62
C ALA A 158 2.72 18.10 -3.20
N SER A 159 2.55 19.41 -3.11
CA SER A 159 1.25 19.95 -2.72
C SER A 159 0.16 19.44 -3.64
N LYS A 160 0.42 19.41 -4.94
CA LYS A 160 -0.56 18.85 -5.87
C LYS A 160 -0.92 17.38 -5.67
N SER A 161 -0.32 16.68 -4.71
CA SER A 161 -0.87 15.40 -4.26
C SER A 161 -1.67 15.64 -2.99
N ALA A 168 -7.52 18.73 9.70
CA ALA A 168 -6.90 17.79 10.61
C ALA A 168 -6.43 16.57 9.85
N ASN A 169 -6.23 16.72 8.54
CA ASN A 169 -5.61 15.64 7.77
C ASN A 169 -4.19 15.37 8.26
N ILE A 170 -3.38 16.42 8.39
CA ILE A 170 -1.97 16.24 8.76
C ILE A 170 -1.86 15.54 10.10
N ASP A 171 -2.65 15.98 11.07
CA ASP A 171 -2.47 15.49 12.42
C ASP A 171 -2.84 14.02 12.55
N GLU A 172 -3.93 13.60 11.89
CA GLU A 172 -4.39 12.22 11.99
C GLU A 172 -3.44 11.26 11.27
N PHE A 173 -2.88 11.70 10.15
CA PHE A 173 -2.00 10.82 9.38
C PHE A 173 -0.64 10.66 10.06
N THR A 174 -0.10 11.75 10.62
CA THR A 174 1.17 11.64 11.35
C THR A 174 1.01 10.70 12.55
N GLN A 175 -0.12 10.76 13.24
CA GLN A 175 -0.33 9.84 14.36
C GLN A 175 -0.46 8.40 13.88
N THR A 176 -1.20 8.13 12.82
CA THR A 176 -1.25 6.74 12.37
C THR A 176 0.12 6.27 11.88
N THR A 177 0.83 7.14 11.14
CA THR A 177 2.17 6.76 10.70
C THR A 177 3.07 6.51 11.90
N ALA A 178 3.08 7.44 12.87
CA ALA A 178 3.92 7.27 14.05
C ALA A 178 3.61 5.99 14.80
N ARG A 179 2.31 5.68 15.00
CA ARG A 179 1.96 4.42 15.66
C ARG A 179 2.31 3.21 14.80
N GLY A 180 2.16 3.31 13.48
CA GLY A 180 2.68 2.26 12.60
C GLY A 180 4.19 2.09 12.68
N ILE A 181 4.92 3.19 12.77
CA ILE A 181 6.38 3.09 12.97
C ILE A 181 6.70 2.26 14.22
N GLU A 182 5.95 2.49 15.32
CA GLU A 182 6.14 1.73 16.54
C GLU A 182 5.70 0.26 16.38
N LYS A 183 4.42 0.02 16.04
CA LYS A 183 3.88 -1.34 16.08
C LYS A 183 4.41 -2.23 14.96
N ILE A 184 4.50 -1.71 13.74
CA ILE A 184 4.97 -2.51 12.62
C ILE A 184 6.47 -2.31 12.38
N GLY A 185 6.96 -1.08 12.45
CA GLY A 185 8.39 -0.87 12.29
C GLY A 185 9.19 -1.44 13.45
N GLY A 186 8.63 -1.41 14.66
CA GLY A 186 9.33 -1.94 15.80
C GLY A 186 10.02 -0.90 16.65
N ALA A 187 9.95 0.38 16.29
CA ALA A 187 10.55 1.42 17.11
C ALA A 187 9.75 1.54 18.41
N LYS A 188 10.45 1.75 19.53
CA LYS A 188 9.72 1.91 20.78
C LYS A 188 8.88 3.19 20.76
N LYS A 189 9.43 4.27 20.23
CA LYS A 189 8.71 5.52 20.11
C LYS A 189 8.89 6.01 18.69
N GLY A 190 7.82 6.54 18.13
CA GLY A 190 7.83 6.94 16.74
C GLY A 190 7.27 8.34 16.61
N LYS A 191 7.78 9.05 15.62
CA LYS A 191 7.29 10.38 15.32
C LYS A 191 7.23 10.51 13.82
N ALA A 192 6.21 11.20 13.33
CA ALA A 192 6.04 11.38 11.89
C ALA A 192 5.78 12.84 11.59
N ILE A 193 6.40 13.33 10.52
CA ILE A 193 6.16 14.69 10.03
C ILE A 193 5.78 14.55 8.56
N ILE A 194 4.71 15.22 8.17
CA ILE A 194 4.36 15.32 6.76
C ILE A 194 4.50 16.79 6.39
N ILE A 195 5.18 17.03 5.27
CA ILE A 195 5.48 18.37 4.77
C ILE A 195 4.96 18.45 3.34
N LEU A 196 4.27 19.53 3.01
CA LEU A 196 3.75 19.73 1.67
C LEU A 196 4.54 20.82 0.97
N ASN A 197 5.06 20.49 -0.22
CA ASN A 197 6.00 21.32 -0.95
C ASN A 197 5.40 21.85 -2.25
N PRO A 198 5.16 23.16 -2.35
CA PRO A 198 4.46 23.74 -3.51
C PRO A 198 5.33 23.95 -4.73
N ALA A 199 6.64 23.67 -4.62
CA ALA A 199 7.60 23.95 -5.68
C ALA A 199 7.13 23.44 -7.03
N GLU A 200 7.33 24.28 -8.06
CA GLU A 200 7.06 23.94 -9.43
C GLU A 200 8.35 23.78 -10.22
N PRO A 201 8.53 22.71 -11.01
CA PRO A 201 7.59 21.59 -11.22
C PRO A 201 7.43 20.74 -9.94
N PRO A 202 6.35 19.97 -9.81
CA PRO A 202 6.17 19.18 -8.59
C PRO A 202 7.35 18.23 -8.34
N ILE A 203 7.71 18.09 -7.06
CA ILE A 203 8.83 17.25 -6.64
C ILE A 203 8.36 15.81 -6.47
N MET A 204 9.30 14.88 -6.62
CA MET A 204 9.04 13.49 -6.29
C MET A 204 8.92 13.40 -4.78
N MET A 205 8.16 12.44 -4.29
CA MET A 205 8.00 12.35 -2.85
C MET A 205 9.35 11.97 -2.27
N ARG A 206 9.74 12.64 -1.18
CA ARG A 206 10.94 12.29 -0.45
C ARG A 206 10.58 11.93 0.99
N ASN A 207 11.37 11.02 1.56
CA ASN A 207 11.23 10.65 2.96
C ASN A 207 12.60 10.63 3.62
N THR A 208 12.67 11.02 4.88
CA THR A 208 13.84 10.88 5.73
C THR A 208 13.48 10.02 6.91
N VAL A 209 14.34 9.05 7.22
CA VAL A 209 14.17 8.17 8.37
C VAL A 209 15.34 8.43 9.32
N TYR A 210 15.04 8.93 10.50
CA TYR A 210 16.01 8.99 11.60
C TYR A 210 15.71 7.84 12.55
N ALA A 211 16.75 7.10 12.96
CA ALA A 211 16.52 6.05 13.95
C ALA A 211 17.61 6.15 14.99
N LEU A 212 17.23 6.00 16.26
CA LEU A 212 18.19 5.91 17.35
C LEU A 212 18.15 4.48 17.89
N VAL A 213 19.28 3.78 17.79
CA VAL A 213 19.30 2.38 18.20
C VAL A 213 19.68 2.32 19.67
N GLU A 214 19.27 1.23 20.30
CA GLU A 214 19.47 1.05 21.73
C GLU A 214 20.90 0.59 21.99
N GLU A 215 21.12 0.15 23.23
CA GLU A 215 22.41 -0.22 23.77
C GLU A 215 23.04 -1.39 22.99
N GLY A 216 24.34 -1.53 23.16
CA GLY A 216 25.10 -2.57 22.49
C GLY A 216 25.95 -2.02 21.36
N LYS A 217 26.97 -2.80 21.01
CA LYS A 217 27.86 -2.47 19.90
C LYS A 217 27.08 -2.46 18.58
N ILE A 218 27.31 -1.44 17.76
CA ILE A 218 26.59 -1.29 16.50
C ILE A 218 27.39 -1.97 15.39
N ASP A 219 26.74 -2.90 14.72
CA ASP A 219 27.32 -3.59 13.56
C ASP A 219 26.88 -2.83 12.33
N GLU A 220 27.74 -1.90 11.91
CA GLU A 220 27.35 -0.98 10.85
C GLU A 220 27.11 -1.69 9.53
N ASN A 221 28.05 -2.56 9.13
CA ASN A 221 27.84 -3.30 7.88
C ASN A 221 26.52 -4.06 7.90
N ALA A 222 26.17 -4.70 9.02
CA ALA A 222 24.95 -5.48 9.03
C ALA A 222 23.74 -4.59 8.85
N ILE A 223 23.76 -3.41 9.48
CA ILE A 223 22.63 -2.49 9.36
C ILE A 223 22.51 -2.00 7.92
N VAL A 224 23.64 -1.57 7.34
CA VAL A 224 23.64 -1.06 5.96
C VAL A 224 23.19 -2.15 4.97
N GLN A 225 23.68 -3.38 5.13
CA GLN A 225 23.25 -4.44 4.22
C GLN A 225 21.76 -4.71 4.39
N SER A 226 21.27 -4.69 5.64
CA SER A 226 19.84 -4.87 5.86
C SER A 226 19.02 -3.78 5.17
N ILE A 227 19.47 -2.54 5.26
CA ILE A 227 18.75 -1.43 4.61
C ILE A 227 18.79 -1.59 3.09
N LEU A 228 19.96 -1.89 2.52
CA LEU A 228 20.06 -2.02 1.06
C LEU A 228 19.20 -3.17 0.55
N GLU A 229 19.22 -4.30 1.26
CA GLU A 229 18.36 -5.42 0.95
C GLU A 229 16.89 -5.03 0.99
N MET A 230 16.47 -4.27 2.02
CA MET A 230 15.06 -3.84 2.10
C MET A 230 14.70 -2.97 0.91
N VAL A 231 15.58 -2.02 0.58
CA VAL A 231 15.36 -1.14 -0.57
C VAL A 231 15.14 -1.94 -1.85
N LYS A 232 16.01 -2.92 -2.13
CA LYS A 232 15.75 -3.83 -3.27
C LYS A 232 14.40 -4.53 -3.16
N THR A 233 14.05 -5.05 -1.98
CA THR A 233 12.79 -5.74 -1.81
C THR A 233 11.58 -4.84 -2.12
N VAL A 234 11.59 -3.61 -1.62
CA VAL A 234 10.49 -2.68 -1.92
C VAL A 234 10.48 -2.31 -3.40
N GLN A 235 11.66 -2.08 -3.99
CA GLN A 235 11.78 -1.77 -5.41
C GLN A 235 11.11 -2.81 -6.27
N SER A 236 11.02 -4.04 -5.78
CA SER A 236 10.41 -5.08 -6.57
C SER A 236 8.93 -4.83 -6.80
N TYR A 237 8.25 -4.08 -5.92
CA TYR A 237 6.86 -3.73 -6.22
C TYR A 237 6.66 -2.23 -6.35
N VAL A 238 7.69 -1.43 -6.07
CA VAL A 238 7.68 0.02 -6.30
C VAL A 238 8.96 0.39 -7.04
N PRO A 239 9.02 0.26 -8.37
CA PRO A 239 10.29 0.47 -9.09
C PRO A 239 10.94 1.82 -8.87
N GLY A 240 10.17 2.88 -8.59
CA GLY A 240 10.80 4.19 -8.39
C GLY A 240 11.20 4.49 -6.96
N TYR A 241 11.17 3.50 -6.08
CA TYR A 241 11.61 3.66 -4.70
C TYR A 241 13.13 3.54 -4.65
N ARG A 242 13.83 4.56 -4.15
CA ARG A 242 15.28 4.43 -4.13
CA ARG A 242 15.28 4.49 -4.16
C ARG A 242 15.85 5.18 -2.93
N ILE A 243 17.02 4.74 -2.53
CA ILE A 243 17.79 5.42 -1.49
C ILE A 243 18.60 6.54 -2.16
N ARG A 244 18.75 7.70 -1.50
CA ARG A 244 19.35 8.83 -2.22
C ARG A 244 20.86 8.93 -2.04
N THR A 245 21.35 8.59 -0.87
CA THR A 245 22.76 8.53 -0.56
C THR A 245 22.93 7.31 0.34
N GLU A 246 24.13 7.04 0.81
CA GLU A 246 24.24 5.89 1.67
C GLU A 246 23.59 6.19 3.03
N PRO A 247 23.33 5.16 3.83
CA PRO A 247 22.88 5.41 5.21
C PRO A 247 23.97 6.14 6.00
N ILE A 248 23.55 7.18 6.74
CA ILE A 248 24.48 8.01 7.51
C ILE A 248 24.45 7.49 8.95
N MET A 249 25.64 7.26 9.50
CA MET A 249 25.77 6.85 10.90
C MET A 249 26.45 7.96 11.67
N ASP A 250 25.94 8.25 12.87
CA ASP A 250 26.66 9.09 13.81
C ASP A 250 26.33 8.55 15.19
N GLY A 251 27.22 7.73 15.75
CA GLY A 251 26.93 7.16 17.07
C GLY A 251 25.81 6.14 16.94
N ASN A 252 24.80 6.23 17.80
CA ASN A 252 23.67 5.32 17.66
C ASN A 252 22.58 5.88 16.75
N LYS A 253 22.86 6.94 16.00
CA LYS A 253 21.87 7.54 15.12
C LYS A 253 22.13 7.13 13.69
N ILE A 254 21.10 6.65 13.02
CA ILE A 254 21.14 6.26 11.61
C ILE A 254 20.12 7.09 10.85
N THR A 255 20.53 7.64 9.72
CA THR A 255 19.63 8.44 8.87
C THR A 255 19.63 7.86 7.46
N VAL A 256 18.45 7.69 6.90
CA VAL A 256 18.28 7.11 5.58
C VAL A 256 17.45 8.10 4.77
N PHE A 257 17.92 8.42 3.58
CA PHE A 257 17.23 9.34 2.68
C PHE A 257 16.64 8.58 1.49
N LEU A 258 15.34 8.74 1.27
CA LEU A 258 14.59 8.00 0.27
C LEU A 258 13.95 8.97 -0.71
N GLU A 259 13.71 8.48 -1.92
CA GLU A 259 12.83 9.18 -2.82
C GLU A 259 11.97 8.15 -3.52
N VAL A 260 10.72 8.51 -3.80
CA VAL A 260 9.72 7.56 -4.27
C VAL A 260 9.10 8.16 -5.51
N GLU A 261 9.61 7.78 -6.67
CA GLU A 261 8.98 8.18 -7.90
C GLU A 261 7.86 7.21 -8.23
N GLY A 262 6.70 7.77 -8.58
CA GLY A 262 5.57 6.93 -8.96
C GLY A 262 5.75 6.32 -10.33
N ALA A 263 5.01 5.23 -10.58
CA ALA A 263 5.08 4.54 -11.85
C ALA A 263 4.47 5.32 -12.99
N GLY A 264 3.66 6.34 -12.71
CA GLY A 264 2.98 7.02 -13.80
C GLY A 264 1.97 6.19 -14.56
N ASP A 265 1.33 5.20 -13.91
CA ASP A 265 0.27 4.40 -14.57
C ASP A 265 -0.95 5.23 -14.90
N TYR A 266 -1.47 5.94 -13.92
CA TYR A 266 -2.59 6.81 -14.15
C TYR A 266 -2.38 8.04 -13.27
N LEU A 267 -1.91 7.81 -12.04
CA LEU A 267 -1.43 8.88 -11.18
C LEU A 267 -0.16 9.47 -11.80
N PRO A 268 0.11 10.75 -11.60
CA PRO A 268 1.36 11.31 -12.15
C PRO A 268 2.56 10.77 -11.39
N LYS A 269 3.74 10.83 -12.04
CA LYS A 269 4.92 10.31 -11.36
C LYS A 269 5.20 11.07 -10.07
N TYR A 270 4.88 12.37 -10.02
CA TYR A 270 5.16 13.08 -8.77
C TYR A 270 4.20 12.71 -7.62
N SER A 271 3.20 11.88 -7.87
CA SER A 271 2.29 11.42 -6.81
C SER A 271 2.73 10.06 -6.24
N GLY A 272 4.01 9.96 -5.91
CA GLY A 272 4.55 8.69 -5.43
C GLY A 272 3.99 8.28 -4.10
N ASN A 273 3.49 9.27 -3.32
CA ASN A 273 2.78 8.98 -2.07
C ASN A 273 1.48 8.23 -2.33
N LEU A 274 0.78 8.55 -3.43
CA LEU A 274 -0.44 7.80 -3.77
C LEU A 274 -0.10 6.50 -4.48
N ASP A 275 0.90 6.54 -5.36
CA ASP A 275 1.29 5.38 -6.13
C ASP A 275 1.82 4.27 -5.21
N ILE A 276 2.53 4.63 -4.14
CA ILE A 276 3.04 3.57 -3.28
C ILE A 276 1.90 2.83 -2.62
N MET A 277 0.75 3.49 -2.45
CA MET A 277 -0.40 2.82 -1.82
C MET A 277 -0.98 1.77 -2.75
N THR A 278 -1.20 2.13 -4.02
CA THR A 278 -1.75 1.16 -4.96
C THR A 278 -0.72 0.06 -5.27
N ALA A 279 0.57 0.43 -5.40
CA ALA A 279 1.58 -0.61 -5.59
C ALA A 279 1.63 -1.55 -4.41
N ALA A 280 1.61 -1.03 -3.17
CA ALA A 280 1.65 -1.91 -2.00
C ALA A 280 0.38 -2.75 -1.90
N ALA A 281 -0.77 -2.17 -2.27
CA ALA A 281 -2.02 -2.93 -2.27
C ALA A 281 -1.96 -4.13 -3.23
N VAL A 282 -1.51 -3.88 -4.46
CA VAL A 282 -1.38 -4.97 -5.42
C VAL A 282 -0.44 -6.04 -4.89
N LYS A 283 0.70 -5.61 -4.31
CA LYS A 283 1.64 -6.59 -3.78
C LYS A 283 1.00 -7.41 -2.66
N VAL A 284 0.32 -6.74 -1.72
CA VAL A 284 -0.37 -7.46 -0.66
C VAL A 284 -1.40 -8.44 -1.21
N ALA A 285 -2.19 -8.00 -2.21
CA ALA A 285 -3.22 -8.87 -2.79
C ALA A 285 -2.60 -10.10 -3.47
N GLU A 286 -1.49 -9.90 -4.19
CA GLU A 286 -0.78 -11.04 -4.76
C GLU A 286 -0.29 -12.04 -3.71
N GLU A 287 0.21 -11.56 -2.57
CA GLU A 287 0.66 -12.53 -1.57
C GLU A 287 -0.52 -13.24 -0.91
N LEU A 288 -1.62 -12.51 -0.70
CA LEU A 288 -2.83 -13.16 -0.22
C LEU A 288 -3.30 -14.19 -1.22
N ALA A 289 -3.18 -13.85 -2.51
CA ALA A 289 -3.70 -14.72 -3.56
C ALA A 289 -2.93 -16.03 -3.61
N LYS A 290 -1.60 -15.95 -3.50
CA LYS A 290 -0.78 -17.16 -3.52
C LYS A 290 -1.07 -18.02 -2.31
N HIS A 291 -1.29 -17.39 -1.16
CA HIS A 291 -1.66 -18.13 0.04
C HIS A 291 -2.99 -18.85 -0.13
N LYS A 292 -3.98 -18.13 -0.69
CA LYS A 292 -5.31 -18.69 -0.87
C LYS A 292 -5.28 -19.82 -1.87
N LEU A 293 -4.51 -19.67 -2.95
CA LEU A 293 -4.45 -20.71 -3.96
C LEU A 293 -3.81 -21.98 -3.40
N ALA A 294 -2.76 -21.83 -2.59
CA ALA A 294 -2.13 -23.00 -1.98
C ALA A 294 -3.02 -23.69 -0.94
N ALA A 295 -3.97 -22.99 -0.37
CA ALA A 295 -4.73 -23.57 0.72
C ALA A 295 -5.90 -24.39 0.23
N GLN A 296 -6.40 -24.09 -0.96
CA GLN A 296 -7.74 -24.45 -1.38
C GLN A 296 -7.91 -25.95 -1.62
N THR A 297 -9.18 -26.38 -1.66
CA THR A 297 -9.60 -27.74 -1.35
C THR A 297 -8.76 -28.32 -0.20
N ALA A 298 -8.79 -27.60 0.93
CA ALA A 298 -8.07 -27.95 2.17
C ALA A 298 -8.20 -26.83 3.21
P PO4 B . 1.69 -7.08 13.97
O1 PO4 B . 1.79 -7.75 12.61
O2 PO4 B . 3.11 -6.94 14.53
O3 PO4 B . 0.78 -7.94 14.86
O4 PO4 B . 1.10 -5.70 13.79
P PO4 C . -15.36 9.62 -11.44
O1 PO4 C . -14.22 8.80 -12.06
O2 PO4 C . -16.50 8.70 -11.04
O3 PO4 C . -15.82 10.64 -12.49
O4 PO4 C . -14.84 10.32 -10.19
P PO4 D . 22.78 16.99 12.19
O1 PO4 D . 23.78 15.87 12.27
O2 PO4 D . 21.48 16.48 11.58
O3 PO4 D . 23.31 18.06 11.24
O4 PO4 D . 22.55 17.52 13.62
#